data_7DK8
#
_entry.id   7DK8
#
_cell.length_a   121.050
_cell.length_b   121.050
_cell.length_c   62.670
_cell.angle_alpha   90.000
_cell.angle_beta   90.000
_cell.angle_gamma   120.000
#
_symmetry.space_group_name_H-M   'P 63'
#
loop_
_entity.id
_entity.type
_entity.pdbx_description
1 polymer 'Probable indole-3-acetic acid-amido synthetase GH3.8'
2 non-polymer 'ADENOSINE MONOPHOSPHATE'
3 water water
#
_entity_poly.entity_id   1
_entity_poly.type   'polypeptide(L)'
_entity_poly.pdbx_seq_one_letter_code
;DVSTTGTALRTPAAGAVKEGDVEKLRFIDEMTTNVDAVQERVLGEILGRNAGTEYLTKCGLDGATDRAAFRAKVPVVSYD
DLQPYIQRIANGDRSPILSTHPVSEFLTSSGTSAGERKLMPTIMDELDRRQLLYSLLMPVMNLYVPGLDKGKGLYFLFVK
SETKTPGGLTARPVLTSYYKSDHFKNRPYDPYHNYTSPTAAILCADAFQSMYAQMVCGLCQRNDVLRLGAVFASGLLRAI
RFLQLNWEQLADDIESGELTPRVTDPSVREAVAAILLPDPELAKLIRAECSKGDWAGIITRVWPNTKYLDVIVTGAMAQY
IPTLEFYSGGLPMACTMYASSECYFGLNLRPMCDPSEVSYTIMPNMGYFEFLPVDETGAASGDATQLVDLARVEVGREYE
LVITTYAGLNRYRVGDVLRVTGFHNAAPQFRFVRRKNVLLSIESDKTDEAELQRAVERASALLRPHGASVVEYTSQACTK
RIPGHYVIYWELLTKGAGATVVDADTLGRCCLEMEEALNTVYRQSRVADGSIGPLEIRVVRPGTFEELMDYAISRGASIN
QYKVPRCVTFPPIVELLDSRVVSSHFSPALPHWTPARR
;
_entity_poly.pdbx_strand_id   A
#
# COMPACT_ATOMS: atom_id res chain seq x y z
N GLU A 23 -7.27 25.69 -15.18
CA GLU A 23 -7.94 24.39 -15.21
C GLU A 23 -6.95 23.29 -14.88
N LYS A 24 -7.32 22.48 -13.91
CA LYS A 24 -6.49 21.32 -13.61
C LYS A 24 -6.37 20.44 -14.83
N LEU A 25 -7.49 20.27 -15.57
CA LEU A 25 -7.50 19.44 -16.76
C LEU A 25 -6.56 19.99 -17.82
N ARG A 26 -6.55 21.30 -18.00
CA ARG A 26 -5.66 21.85 -19.00
C ARG A 26 -4.21 21.70 -18.57
N PHE A 27 -3.95 21.79 -17.25
CA PHE A 27 -2.61 21.50 -16.75
C PHE A 27 -2.17 20.09 -17.14
N ILE A 28 -3.02 19.10 -16.88
CA ILE A 28 -2.69 17.74 -17.33
C ILE A 28 -2.43 17.71 -18.83
N ASP A 29 -3.26 18.41 -19.61
CA ASP A 29 -3.04 18.32 -21.05
C ASP A 29 -1.73 18.97 -21.45
N GLU A 30 -1.41 20.12 -20.87
CA GLU A 30 -0.12 20.76 -21.18
C GLU A 30 1.05 19.89 -20.75
N MET A 31 1.00 19.35 -19.53
CA MET A 31 2.14 18.56 -19.04
C MET A 31 2.38 17.34 -19.92
N THR A 32 1.31 16.67 -20.32
CA THR A 32 1.44 15.44 -21.08
C THR A 32 1.72 15.71 -22.54
N THR A 33 1.31 16.89 -23.04
CA THR A 33 1.71 17.29 -24.38
C THR A 33 3.20 17.59 -24.45
N ASN A 34 3.79 18.09 -23.37
CA ASN A 34 5.14 18.63 -23.41
C ASN A 34 6.09 17.83 -22.50
N VAL A 35 5.85 16.54 -22.40
CA VAL A 35 6.54 15.65 -21.47
C VAL A 35 8.02 15.94 -21.42
N ASP A 36 8.69 15.88 -22.58
CA ASP A 36 10.14 15.90 -22.52
C ASP A 36 10.67 17.28 -22.13
N ALA A 37 9.97 18.36 -22.53
CA ALA A 37 10.38 19.70 -22.12
C ALA A 37 10.21 19.90 -20.62
N VAL A 38 9.05 19.50 -20.09
CA VAL A 38 8.83 19.56 -18.65
C VAL A 38 9.92 18.78 -17.91
N GLN A 39 10.20 17.55 -18.36
CA GLN A 39 11.23 16.74 -17.70
C GLN A 39 12.57 17.46 -17.65
N GLU A 40 12.99 18.04 -18.78
CA GLU A 40 14.22 18.84 -18.80
C GLU A 40 14.16 19.97 -17.80
N ARG A 41 13.07 20.72 -17.77
CA ARG A 41 12.98 21.85 -16.85
C ARG A 41 13.02 21.36 -15.40
N VAL A 42 12.25 20.32 -15.09
CA VAL A 42 12.23 19.74 -13.74
C VAL A 42 13.64 19.35 -13.30
N LEU A 43 14.37 18.62 -14.16
CA LEU A 43 15.72 18.22 -13.80
C LEU A 43 16.62 19.44 -13.64
N GLY A 44 16.47 20.45 -14.50
CA GLY A 44 17.18 21.71 -14.28
C GLY A 44 16.88 22.32 -12.92
N GLU A 45 15.61 22.26 -12.48
CA GLU A 45 15.26 22.79 -11.17
C GLU A 45 15.90 21.96 -10.05
N ILE A 46 15.82 20.63 -10.17
CA ILE A 46 16.37 19.76 -9.15
C ILE A 46 17.88 19.97 -9.04
N LEU A 47 18.56 19.97 -10.18
CA LEU A 47 20.01 20.16 -10.18
C LEU A 47 20.40 21.58 -9.77
N GLY A 48 19.62 22.58 -10.16
CA GLY A 48 19.86 23.91 -9.62
C GLY A 48 19.86 23.91 -8.10
N ARG A 49 18.98 23.11 -7.50
CA ARG A 49 18.87 23.00 -6.05
C ARG A 49 19.97 22.17 -5.44
N ASN A 50 20.32 21.04 -6.07
CA ASN A 50 21.11 20.01 -5.41
C ASN A 50 22.46 19.73 -6.02
N ALA A 51 22.71 20.13 -7.28
CA ALA A 51 23.96 19.77 -7.95
C ALA A 51 25.21 20.14 -7.15
N GLY A 52 25.08 21.05 -6.18
CA GLY A 52 26.14 21.44 -5.27
C GLY A 52 26.17 20.69 -3.94
N THR A 53 25.22 19.80 -3.69
CA THR A 53 25.20 18.96 -2.48
C THR A 53 26.39 18.01 -2.46
N GLU A 54 26.60 17.36 -1.31
CA GLU A 54 27.71 16.40 -1.18
C GLU A 54 27.57 15.26 -2.18
N TYR A 55 26.37 14.68 -2.28
CA TYR A 55 26.20 13.48 -3.09
C TYR A 55 26.51 13.75 -4.56
N LEU A 56 25.89 14.79 -5.13
CA LEU A 56 26.17 15.13 -6.53
C LEU A 56 27.59 15.65 -6.74
N THR A 57 28.16 16.38 -5.78
CA THR A 57 29.56 16.75 -5.92
C THR A 57 30.44 15.50 -6.01
N LYS A 58 30.12 14.48 -5.20
CA LYS A 58 30.89 13.24 -5.24
C LYS A 58 30.77 12.53 -6.58
N CYS A 59 29.65 12.72 -7.28
CA CYS A 59 29.50 12.18 -8.62
C CYS A 59 30.26 12.98 -9.68
N GLY A 60 30.88 14.10 -9.32
CA GLY A 60 31.63 14.88 -10.29
C GLY A 60 30.79 15.80 -11.13
N LEU A 61 29.51 15.95 -10.81
CA LEU A 61 28.65 16.88 -11.54
C LEU A 61 29.21 18.29 -11.50
N ASP A 62 29.80 18.66 -10.36
CA ASP A 62 30.39 19.97 -10.12
C ASP A 62 29.51 21.10 -10.67
N GLY A 63 28.29 21.14 -10.15
CA GLY A 63 27.42 22.29 -10.35
C GLY A 63 26.64 22.31 -11.64
N ALA A 64 26.95 21.43 -12.59
CA ALA A 64 26.21 21.39 -13.85
C ALA A 64 24.74 21.11 -13.58
N THR A 65 23.86 21.78 -14.33
CA THR A 65 22.42 21.61 -14.21
C THR A 65 21.81 21.08 -15.51
N ASP A 66 22.64 20.72 -16.49
CA ASP A 66 22.14 20.31 -17.80
C ASP A 66 22.06 18.79 -17.91
N ARG A 67 21.13 18.36 -18.78
CA ARG A 67 20.80 16.94 -18.89
C ARG A 67 22.01 16.10 -19.27
N ALA A 68 22.81 16.56 -20.24
CA ALA A 68 23.93 15.76 -20.73
C ALA A 68 24.94 15.50 -19.60
N ALA A 69 25.27 16.54 -18.83
CA ALA A 69 26.15 16.36 -17.68
C ALA A 69 25.60 15.32 -16.71
N PHE A 70 24.32 15.47 -16.34
CA PHE A 70 23.67 14.55 -15.42
C PHE A 70 23.75 13.11 -15.93
N ARG A 71 23.26 12.90 -17.15
CA ARG A 71 23.21 11.55 -17.71
C ARG A 71 24.59 10.90 -17.67
N ALA A 72 25.63 11.70 -17.93
CA ALA A 72 27.00 11.20 -18.01
C ALA A 72 27.57 10.85 -16.64
N LYS A 73 27.23 11.62 -15.59
CA LYS A 73 27.99 11.51 -14.37
C LYS A 73 27.27 10.81 -13.22
N VAL A 74 25.94 10.71 -13.23
CA VAL A 74 25.19 10.23 -12.08
C VAL A 74 24.93 8.74 -12.24
N PRO A 75 25.33 7.90 -11.30
CA PRO A 75 25.08 6.46 -11.43
C PRO A 75 23.67 6.12 -10.98
N VAL A 76 23.18 4.98 -11.46
CA VAL A 76 21.97 4.39 -10.91
C VAL A 76 22.32 3.74 -9.58
N VAL A 77 21.41 3.82 -8.60
CA VAL A 77 21.68 3.35 -7.24
C VAL A 77 20.43 2.66 -6.69
N SER A 78 20.64 1.81 -5.69
CA SER A 78 19.55 1.23 -4.92
C SER A 78 19.58 1.81 -3.52
N TYR A 79 18.59 1.43 -2.70
CA TYR A 79 18.56 1.94 -1.35
C TYR A 79 19.90 1.76 -0.65
N ASP A 80 20.49 0.57 -0.77
CA ASP A 80 21.66 0.26 0.03
C ASP A 80 22.85 1.15 -0.33
N ASP A 81 22.97 1.56 -1.60
CA ASP A 81 23.98 2.56 -1.97
C ASP A 81 23.77 3.89 -1.24
N LEU A 82 22.52 4.27 -1.00
CA LEU A 82 22.25 5.55 -0.35
C LEU A 82 22.22 5.47 1.17
N GLN A 83 22.03 4.27 1.71
CA GLN A 83 21.83 4.16 3.15
C GLN A 83 22.96 4.82 3.97
N PRO A 84 24.23 4.76 3.57
CA PRO A 84 25.26 5.49 4.35
C PRO A 84 24.95 6.97 4.49
N TYR A 85 24.51 7.60 3.40
CA TYR A 85 24.13 9.01 3.48
C TYR A 85 22.91 9.19 4.37
N ILE A 86 21.92 8.31 4.21
CA ILE A 86 20.70 8.40 5.02
C ILE A 86 21.01 8.20 6.51
N GLN A 87 21.89 7.26 6.85
CA GLN A 87 22.11 7.06 8.27
C GLN A 87 22.83 8.26 8.88
N ARG A 88 23.70 8.92 8.11
CA ARG A 88 24.34 10.14 8.59
C ARG A 88 23.28 11.20 8.92
N ILE A 89 22.30 11.37 8.04
CA ILE A 89 21.23 12.32 8.29
C ILE A 89 20.38 11.89 9.49
N ALA A 90 20.01 10.61 9.54
CA ALA A 90 19.25 10.09 10.65
C ALA A 90 19.94 10.33 11.99
N ASN A 91 21.26 10.24 12.00
CA ASN A 91 22.03 10.42 13.22
C ASN A 91 22.32 11.88 13.52
N GLY A 92 21.85 12.82 12.68
CA GLY A 92 21.94 14.23 13.00
C GLY A 92 22.81 15.06 12.10
N ASP A 93 23.39 14.49 11.04
CA ASP A 93 24.16 15.31 10.11
C ASP A 93 23.21 16.26 9.36
N ARG A 94 23.37 17.57 9.59
CA ARG A 94 22.52 18.58 8.99
C ARG A 94 23.22 19.37 7.86
N SER A 95 24.38 18.92 7.40
CA SER A 95 24.98 19.53 6.22
C SER A 95 24.20 19.14 4.96
N PRO A 96 24.36 19.90 3.88
CA PRO A 96 23.64 19.58 2.63
C PRO A 96 24.19 18.33 1.99
N ILE A 97 23.74 17.18 2.45
CA ILE A 97 24.21 15.93 1.86
C ILE A 97 23.47 15.65 0.56
N LEU A 98 22.14 15.69 0.61
CA LEU A 98 21.32 15.31 -0.53
C LEU A 98 20.60 16.50 -1.16
N SER A 99 20.41 17.59 -0.42
CA SER A 99 19.69 18.71 -0.98
C SER A 99 20.09 19.99 -0.24
N THR A 100 20.04 21.12 -0.95
CA THR A 100 20.13 22.39 -0.25
C THR A 100 18.83 22.74 0.48
N HIS A 101 17.73 22.03 0.19
CA HIS A 101 16.59 21.97 1.08
C HIS A 101 16.87 20.85 2.09
N PRO A 102 17.24 21.13 3.30
CA PRO A 102 17.48 20.02 4.22
C PRO A 102 16.23 19.25 4.69
N VAL A 103 16.51 18.16 5.36
CA VAL A 103 15.51 17.14 5.50
C VAL A 103 14.53 17.57 6.58
N SER A 104 13.25 17.41 6.30
CA SER A 104 12.20 17.80 7.23
C SER A 104 11.71 16.63 8.08
N GLU A 105 11.66 15.43 7.49
CA GLU A 105 11.29 14.20 8.20
C GLU A 105 11.72 13.05 7.31
N PHE A 106 11.63 11.83 7.85
CA PHE A 106 11.79 10.62 7.05
C PHE A 106 10.43 9.97 6.83
N LEU A 107 10.09 9.76 5.57
CA LEU A 107 8.90 8.99 5.23
C LEU A 107 9.29 7.52 5.20
N THR A 108 8.62 6.71 6.00
CA THR A 108 8.96 5.30 6.13
C THR A 108 8.21 4.49 5.08
N SER A 109 8.95 4.02 4.09
CA SER A 109 8.39 3.14 3.11
C SER A 109 7.93 1.84 3.79
N SER A 110 6.89 1.22 3.23
CA SER A 110 6.55 -0.13 3.67
C SER A 110 7.55 -1.17 3.16
N GLY A 111 8.43 -0.81 2.24
CA GLY A 111 9.53 -1.68 1.87
C GLY A 111 10.63 -1.63 2.92
N THR A 112 11.29 -2.75 3.12
CA THR A 112 12.26 -2.86 4.19
C THR A 112 13.63 -3.29 3.68
N SER A 113 14.66 -3.06 4.50
CA SER A 113 15.94 -3.72 4.36
C SER A 113 16.37 -4.18 5.75
N ALA A 114 16.78 -5.45 5.85
CA ALA A 114 17.10 -6.06 7.14
C ALA A 114 15.94 -5.96 8.11
N GLY A 115 14.72 -6.18 7.59
CA GLY A 115 13.53 -6.17 8.42
C GLY A 115 13.07 -4.82 8.90
N GLU A 116 13.80 -3.74 8.58
CA GLU A 116 13.48 -2.39 9.00
C GLU A 116 13.04 -1.53 7.83
N ARG A 117 12.10 -0.63 8.09
CA ARG A 117 11.54 0.23 7.05
C ARG A 117 12.63 1.12 6.45
N LYS A 118 12.67 1.20 5.13
CA LYS A 118 13.54 2.14 4.45
C LYS A 118 13.08 3.58 4.71
N LEU A 119 14.02 4.46 5.05
CA LEU A 119 13.69 5.85 5.37
C LEU A 119 13.91 6.71 4.13
N MET A 120 12.84 7.32 3.63
CA MET A 120 12.95 8.16 2.46
C MET A 120 12.97 9.62 2.89
N PRO A 121 14.11 10.30 2.82
CA PRO A 121 14.15 11.69 3.25
C PRO A 121 13.19 12.53 2.42
N THR A 122 12.48 13.43 3.09
CA THR A 122 11.64 14.36 2.36
C THR A 122 11.95 15.76 2.82
N ILE A 123 11.42 16.74 2.10
CA ILE A 123 11.64 18.15 2.40
C ILE A 123 10.28 18.84 2.40
N MET A 124 10.24 20.02 3.02
CA MET A 124 8.95 20.70 3.21
C MET A 124 8.28 21.00 1.88
N ASP A 125 9.08 21.39 0.89
CA ASP A 125 8.61 21.73 -0.45
C ASP A 125 7.81 20.59 -1.10
N GLU A 126 8.07 19.34 -0.74
CA GLU A 126 7.44 18.24 -1.46
C GLU A 126 5.96 18.13 -1.11
N LEU A 127 5.55 18.59 0.08
CA LEU A 127 4.14 18.57 0.42
C LEU A 127 3.33 19.30 -0.64
N ASP A 128 3.86 20.40 -1.17
CA ASP A 128 3.10 21.15 -2.15
C ASP A 128 2.93 20.38 -3.46
N ARG A 129 3.95 19.59 -3.84
CA ARG A 129 3.81 18.80 -5.05
C ARG A 129 2.87 17.63 -4.83
N ARG A 130 2.95 17.00 -3.67
CA ARG A 130 1.94 16.00 -3.35
C ARG A 130 0.54 16.61 -3.38
N GLN A 131 0.38 17.82 -2.85
CA GLN A 131 -0.95 18.41 -2.85
C GLN A 131 -1.43 18.72 -4.25
N LEU A 132 -0.53 19.11 -5.16
CA LEU A 132 -0.90 19.30 -6.56
C LEU A 132 -1.43 18.01 -7.18
N LEU A 133 -0.73 16.88 -6.98
CA LEU A 133 -1.23 15.64 -7.53
C LEU A 133 -2.63 15.32 -7.01
N TYR A 134 -2.84 15.44 -5.69
CA TYR A 134 -4.16 15.20 -5.13
C TYR A 134 -5.22 16.11 -5.76
N SER A 135 -4.84 17.36 -6.05
CA SER A 135 -5.81 18.31 -6.57
C SER A 135 -6.26 17.93 -7.97
N LEU A 136 -5.52 17.06 -8.64
CA LEU A 136 -5.90 16.62 -9.98
C LEU A 136 -6.95 15.51 -9.97
N LEU A 137 -7.12 14.80 -8.85
CA LEU A 137 -7.91 13.57 -8.84
C LEU A 137 -9.39 13.83 -9.10
N MET A 138 -10.01 14.68 -8.31
CA MET A 138 -11.45 14.89 -8.47
C MET A 138 -11.77 15.59 -9.79
N PRO A 139 -10.97 16.54 -10.25
CA PRO A 139 -11.20 17.06 -11.62
C PRO A 139 -11.29 15.95 -12.68
N VAL A 140 -10.42 14.93 -12.61
CA VAL A 140 -10.51 13.83 -13.56
C VAL A 140 -11.75 12.98 -13.27
N MET A 141 -11.98 12.64 -12.00
CA MET A 141 -13.12 11.80 -11.67
C MET A 141 -14.43 12.43 -12.15
N ASN A 142 -14.56 13.75 -11.97
CA ASN A 142 -15.78 14.46 -12.32
C ASN A 142 -16.13 14.33 -13.79
N LEU A 143 -15.18 13.95 -14.63
CA LEU A 143 -15.46 13.74 -16.04
C LEU A 143 -16.30 12.48 -16.27
N TYR A 144 -16.20 11.51 -15.36
CA TYR A 144 -16.86 10.22 -15.50
C TYR A 144 -18.02 10.02 -14.57
N VAL A 145 -18.00 10.64 -13.40
CA VAL A 145 -19.04 10.46 -12.39
C VAL A 145 -19.61 11.82 -11.98
N PRO A 146 -20.76 12.23 -12.51
CA PRO A 146 -21.30 13.54 -12.16
C PRO A 146 -21.93 13.58 -10.78
N GLY A 147 -21.95 14.78 -10.21
CA GLY A 147 -22.71 15.05 -9.00
C GLY A 147 -22.00 14.76 -7.71
N LEU A 148 -20.72 14.37 -7.75
CA LEU A 148 -20.04 14.05 -6.51
C LEU A 148 -20.02 15.24 -5.55
N ASP A 149 -20.03 16.46 -6.09
CA ASP A 149 -20.06 17.63 -5.22
C ASP A 149 -21.32 17.67 -4.35
N LYS A 150 -22.38 16.97 -4.75
CA LYS A 150 -23.64 17.02 -4.02
C LYS A 150 -23.73 15.94 -2.94
N GLY A 151 -22.61 15.54 -2.36
CA GLY A 151 -22.68 14.56 -1.31
C GLY A 151 -21.33 14.38 -0.63
N LYS A 152 -21.27 13.38 0.24
CA LYS A 152 -20.08 13.13 1.03
C LYS A 152 -19.36 11.89 0.56
N GLY A 153 -18.11 11.78 0.96
CA GLY A 153 -17.33 10.56 0.82
C GLY A 153 -17.13 9.95 2.18
N LEU A 154 -17.33 8.64 2.27
CA LEU A 154 -17.05 7.90 3.49
C LEU A 154 -15.71 7.21 3.26
N TYR A 155 -14.65 7.82 3.77
CA TYR A 155 -13.31 7.25 3.69
C TYR A 155 -12.85 6.87 5.07
N PHE A 156 -12.39 5.62 5.23
CA PHE A 156 -11.78 5.18 6.47
C PHE A 156 -10.28 5.42 6.37
N LEU A 157 -9.79 6.38 7.15
CA LEU A 157 -8.40 6.81 7.09
C LEU A 157 -7.78 6.69 8.46
N PHE A 158 -6.52 6.26 8.50
CA PHE A 158 -5.86 5.96 9.77
C PHE A 158 -4.43 6.46 9.80
N VAL A 159 -4.03 6.98 10.93
CA VAL A 159 -2.64 7.29 11.20
C VAL A 159 -2.00 6.08 11.88
N LYS A 160 -0.71 5.90 11.64
CA LYS A 160 0.04 4.85 12.30
C LYS A 160 1.15 5.50 13.12
N SER A 161 1.91 4.67 13.81
CA SER A 161 2.84 5.18 14.82
C SER A 161 4.03 5.90 14.19
N GLU A 162 4.54 6.89 14.91
CA GLU A 162 5.74 7.60 14.51
C GLU A 162 6.90 7.18 15.41
N THR A 163 8.12 7.44 14.94
CA THR A 163 9.30 7.33 15.80
C THR A 163 10.20 8.52 15.50
N LYS A 164 11.29 8.63 16.25
CA LYS A 164 12.32 9.62 16.01
C LYS A 164 13.65 8.91 15.79
N THR A 165 14.43 9.43 14.87
CA THR A 165 15.77 8.91 14.62
C THR A 165 16.70 9.41 15.73
N PRO A 166 17.88 8.78 15.87
CA PRO A 166 18.78 9.19 16.96
C PRO A 166 19.13 10.66 16.89
N GLY A 167 19.18 11.22 15.69
CA GLY A 167 19.39 12.63 15.50
C GLY A 167 18.19 13.53 15.73
N GLY A 168 17.03 12.99 16.10
CA GLY A 168 15.88 13.82 16.39
C GLY A 168 14.83 13.97 15.30
N LEU A 169 15.13 13.57 14.06
CA LEU A 169 14.14 13.67 13.00
C LEU A 169 12.99 12.69 13.19
N THR A 170 11.80 13.11 12.81
CA THR A 170 10.66 12.21 12.83
C THR A 170 10.72 11.23 11.66
N ALA A 171 10.24 10.01 11.90
CA ALA A 171 10.07 9.01 10.86
C ALA A 171 8.68 8.43 11.00
N ARG A 172 7.91 8.47 9.92
CA ARG A 172 6.52 8.04 9.96
C ARG A 172 6.05 7.86 8.52
N PRO A 173 4.95 7.14 8.31
CA PRO A 173 4.46 6.92 6.93
C PRO A 173 3.92 8.19 6.28
N VAL A 174 3.98 8.21 4.95
CA VAL A 174 3.67 9.44 4.22
C VAL A 174 2.25 9.89 4.50
N LEU A 175 1.30 8.96 4.51
CA LEU A 175 -0.09 9.36 4.77
C LEU A 175 -0.26 9.85 6.20
N THR A 176 0.44 9.24 7.17
CA THR A 176 0.40 9.78 8.51
C THR A 176 0.91 11.21 8.53
N SER A 177 2.04 11.46 7.86
CA SER A 177 2.51 12.82 7.66
C SER A 177 1.45 13.68 7.00
N TYR A 178 0.80 13.14 5.97
CA TYR A 178 -0.22 13.91 5.26
C TYR A 178 -1.36 14.30 6.19
N TYR A 179 -1.96 13.30 6.86
CA TYR A 179 -3.16 13.58 7.65
C TYR A 179 -2.90 14.54 8.80
N LYS A 180 -1.68 14.57 9.34
CA LYS A 180 -1.37 15.52 10.41
C LYS A 180 -0.89 16.87 9.90
N SER A 181 -0.87 17.07 8.59
CA SER A 181 -0.46 18.33 7.97
C SER A 181 -1.70 19.17 7.62
N ASP A 182 -1.53 20.49 7.58
CA ASP A 182 -2.68 21.39 7.44
C ASP A 182 -3.17 21.49 6.01
N HIS A 183 -2.35 21.12 5.03
CA HIS A 183 -2.85 20.78 3.70
C HIS A 183 -4.14 20.01 3.85
N PHE A 184 -4.18 19.14 4.87
CA PHE A 184 -5.28 18.21 5.15
C PHE A 184 -6.20 18.69 6.28
N LYS A 185 -5.64 19.14 7.40
CA LYS A 185 -6.47 19.53 8.54
C LYS A 185 -7.33 20.75 8.22
N ASN A 186 -6.68 21.89 7.93
CA ASN A 186 -7.41 23.10 7.54
C ASN A 186 -7.33 23.29 6.03
N ARG A 187 -8.06 22.46 5.33
CA ARG A 187 -8.14 22.66 3.89
C ARG A 187 -9.31 23.57 3.54
N PRO A 188 -9.19 24.36 2.47
CA PRO A 188 -10.25 25.28 2.05
C PRO A 188 -11.58 24.57 1.78
N ASP A 190 -14.08 22.84 -0.03
CA ASP A 190 -14.18 22.22 -1.36
C ASP A 190 -15.26 21.13 -1.42
N PRO A 191 -16.28 21.36 -2.25
CA PRO A 191 -17.44 20.45 -2.24
C PRO A 191 -17.13 19.05 -2.75
N TYR A 192 -16.05 18.87 -3.52
CA TYR A 192 -15.68 17.56 -4.02
C TYR A 192 -14.81 16.78 -3.03
N HIS A 193 -14.65 17.30 -1.82
CA HIS A 193 -13.87 16.67 -0.77
C HIS A 193 -14.60 16.82 0.57
N ASN A 194 -15.90 16.52 0.55
CA ASN A 194 -16.73 16.58 1.74
C ASN A 194 -16.82 15.17 2.33
N TYR A 195 -16.12 14.95 3.44
CA TYR A 195 -15.96 13.62 4.00
C TYR A 195 -16.68 13.52 5.34
N THR A 196 -17.13 12.29 5.65
CA THR A 196 -17.85 12.02 6.88
C THR A 196 -16.93 11.85 8.08
N SER A 197 -15.66 11.51 7.86
CA SER A 197 -14.80 11.23 8.99
C SER A 197 -14.30 12.54 9.58
N PRO A 198 -14.47 12.76 10.87
CA PRO A 198 -13.84 13.91 11.52
C PRO A 198 -12.34 13.67 11.68
N THR A 199 -11.56 14.71 11.39
CA THR A 199 -10.12 14.52 11.41
C THR A 199 -9.66 14.06 12.79
N ALA A 200 -10.40 14.39 13.84
CA ALA A 200 -10.07 13.91 15.17
C ALA A 200 -10.09 12.39 15.24
N ALA A 201 -11.04 11.75 14.54
CA ALA A 201 -11.08 10.30 14.54
C ALA A 201 -9.97 9.73 13.68
N ILE A 202 -9.66 10.40 12.58
CA ILE A 202 -8.55 9.96 11.73
C ILE A 202 -7.24 9.98 12.52
N LEU A 203 -7.02 11.01 13.31
CA LEU A 203 -5.75 11.20 13.98
C LEU A 203 -5.62 10.39 15.26
N CYS A 204 -6.65 9.64 15.65
CA CYS A 204 -6.59 8.90 16.88
C CYS A 204 -5.72 7.67 16.71
N ALA A 205 -4.81 7.45 17.65
CA ALA A 205 -3.92 6.30 17.60
C ALA A 205 -4.71 5.01 17.47
N ASP A 206 -5.56 4.73 18.45
CA ASP A 206 -6.13 3.40 18.60
C ASP A 206 -6.98 3.03 17.39
N ALA A 207 -6.63 1.88 16.78
CA ALA A 207 -7.39 1.38 15.64
C ALA A 207 -8.86 1.23 15.98
N PHE A 208 -9.18 0.69 17.15
CA PHE A 208 -10.58 0.45 17.48
C PHE A 208 -11.35 1.75 17.59
N GLN A 209 -10.91 2.65 18.47
CA GLN A 209 -11.61 3.91 18.64
C GLN A 209 -11.72 4.66 17.32
N SER A 210 -10.64 4.66 16.55
CA SER A 210 -10.66 5.35 15.27
C SER A 210 -11.66 4.71 14.31
N MET A 211 -11.60 3.38 14.19
CA MET A 211 -12.55 2.67 13.34
C MET A 211 -13.98 2.91 13.81
N TYR A 212 -14.25 2.62 15.08
CA TYR A 212 -15.62 2.72 15.59
C TYR A 212 -16.17 4.12 15.36
N ALA A 213 -15.39 5.14 15.69
CA ALA A 213 -15.85 6.52 15.54
C ALA A 213 -16.13 6.86 14.10
N GLN A 214 -15.33 6.34 13.17
CA GLN A 214 -15.56 6.67 11.76
C GLN A 214 -16.76 5.92 11.22
N MET A 215 -16.98 4.69 11.67
CA MET A 215 -18.20 3.96 11.32
C MET A 215 -19.45 4.73 11.76
N VAL A 216 -19.46 5.19 13.01
CA VAL A 216 -20.64 5.87 13.55
C VAL A 216 -20.95 7.12 12.74
N CYS A 217 -19.93 7.87 12.32
CA CYS A 217 -20.18 9.05 11.52
C CYS A 217 -20.59 8.69 10.10
N GLY A 218 -20.05 7.60 9.56
CA GLY A 218 -20.49 7.17 8.24
C GLY A 218 -21.94 6.72 8.23
N LEU A 219 -22.38 6.08 9.32
CA LEU A 219 -23.75 5.58 9.38
C LEU A 219 -24.76 6.71 9.53
N CYS A 220 -24.55 7.58 10.52
CA CYS A 220 -25.40 8.76 10.69
C CYS A 220 -25.63 9.47 9.36
N GLN A 221 -24.55 9.75 8.62
CA GLN A 221 -24.66 10.48 7.36
C GLN A 221 -24.93 9.54 6.19
N ARG A 222 -25.45 8.34 6.46
CA ARG A 222 -25.47 7.28 5.46
C ARG A 222 -26.00 7.77 4.10
N ASN A 223 -26.97 8.68 4.10
CA ASN A 223 -27.64 8.97 2.83
C ASN A 223 -26.92 10.02 1.98
N ASP A 224 -26.07 10.85 2.57
CA ASP A 224 -25.27 11.76 1.76
C ASP A 224 -24.05 11.08 1.13
N VAL A 225 -23.81 9.81 1.48
CA VAL A 225 -22.61 9.09 1.06
C VAL A 225 -22.73 8.76 -0.43
N LEU A 226 -21.88 9.38 -1.24
CA LEU A 226 -21.83 9.08 -2.67
C LEU A 226 -20.70 8.13 -3.05
N ARG A 227 -19.72 7.93 -2.18
CA ARG A 227 -18.62 7.04 -2.49
C ARG A 227 -17.99 6.56 -1.19
N LEU A 228 -17.44 5.35 -1.25
CA LEU A 228 -16.90 4.66 -0.09
C LEU A 228 -15.44 4.33 -0.40
N GLY A 229 -14.56 4.46 0.60
CA GLY A 229 -13.17 4.22 0.28
C GLY A 229 -12.23 4.12 1.46
N ALA A 230 -10.97 3.92 1.11
CA ALA A 230 -9.84 3.74 2.02
C ALA A 230 -8.63 3.63 1.11
N VAL A 231 -7.44 3.75 1.67
CA VAL A 231 -6.26 3.75 0.81
C VAL A 231 -6.14 2.42 0.06
N PHE A 232 -6.26 1.30 0.78
CA PHE A 232 -6.17 -0.03 0.21
C PHE A 232 -7.49 -0.78 0.35
N ALA A 233 -7.75 -1.66 -0.61
CA ALA A 233 -8.97 -2.47 -0.56
C ALA A 233 -9.10 -3.17 0.78
N SER A 234 -7.98 -3.67 1.32
CA SER A 234 -8.05 -4.39 2.58
C SER A 234 -8.53 -3.48 3.71
N GLY A 235 -8.15 -2.21 3.68
CA GLY A 235 -8.63 -1.29 4.70
C GLY A 235 -10.14 -1.17 4.69
N LEU A 236 -10.72 -1.05 3.50
CA LEU A 236 -12.17 -1.01 3.39
C LEU A 236 -12.79 -2.33 3.85
N LEU A 237 -12.13 -3.44 3.55
CA LEU A 237 -12.68 -4.72 3.98
C LEU A 237 -12.71 -4.82 5.50
N ARG A 238 -11.64 -4.34 6.15
CA ARG A 238 -11.62 -4.34 7.61
C ARG A 238 -12.66 -3.39 8.19
N ALA A 239 -13.01 -2.32 7.48
CA ALA A 239 -14.12 -1.48 7.94
C ALA A 239 -15.43 -2.26 7.90
N ILE A 240 -15.62 -3.06 6.85
CA ILE A 240 -16.84 -3.85 6.73
C ILE A 240 -16.88 -4.94 7.81
N ARG A 241 -15.78 -5.67 7.98
CA ARG A 241 -15.74 -6.65 9.07
C ARG A 241 -16.06 -5.97 10.39
N PHE A 242 -15.52 -4.77 10.62
CA PHE A 242 -15.80 -4.04 11.84
C PHE A 242 -17.30 -3.89 12.04
N LEU A 243 -18.02 -3.53 10.98
CA LEU A 243 -19.47 -3.42 11.06
C LEU A 243 -20.11 -4.75 11.43
N GLN A 244 -19.66 -5.83 10.77
CA GLN A 244 -20.16 -7.18 11.03
C GLN A 244 -20.05 -7.53 12.51
N LEU A 245 -19.07 -6.97 13.21
CA LEU A 245 -18.79 -7.31 14.59
C LEU A 245 -19.35 -6.32 15.60
N ASN A 246 -19.73 -5.11 15.17
CA ASN A 246 -20.09 -4.06 16.11
C ASN A 246 -21.40 -3.34 15.78
N TRP A 247 -22.18 -3.82 14.81
CA TRP A 247 -23.39 -3.11 14.46
C TRP A 247 -24.41 -3.08 15.61
N GLU A 248 -24.28 -4.00 16.58
CA GLU A 248 -25.19 -4.02 17.71
C GLU A 248 -25.03 -2.73 18.52
N GLN A 249 -23.86 -2.53 19.10
CA GLN A 249 -23.60 -1.26 19.80
C GLN A 249 -23.80 -0.08 18.86
N LEU A 250 -23.43 -0.25 17.59
CA LEU A 250 -23.56 0.84 16.63
C LEU A 250 -25.02 1.25 16.47
N ALA A 251 -25.89 0.29 16.14
CA ALA A 251 -27.32 0.59 16.09
C ALA A 251 -27.80 1.24 17.39
N ASP A 252 -27.23 0.83 18.52
CA ASP A 252 -27.64 1.36 19.81
C ASP A 252 -27.29 2.83 19.95
N ASP A 253 -26.00 3.17 19.79
CA ASP A 253 -25.59 4.56 19.91
C ASP A 253 -26.32 5.44 18.90
N ILE A 254 -26.60 4.91 17.71
CA ILE A 254 -27.40 5.65 16.74
C ILE A 254 -28.78 5.95 17.32
N GLU A 255 -29.46 4.92 17.80
CA GLU A 255 -30.77 5.11 18.43
C GLU A 255 -30.64 6.01 19.65
N SER A 256 -29.89 5.55 20.67
CA SER A 256 -29.74 6.31 21.91
C SER A 256 -29.08 7.65 21.69
N GLY A 257 -28.34 7.77 20.58
CA GLY A 257 -27.63 9.01 20.26
C GLY A 257 -26.51 9.24 21.25
N GLU A 258 -26.03 8.18 21.89
CA GLU A 258 -24.99 8.30 22.92
C GLU A 258 -23.75 7.45 22.55
N LEU A 259 -22.62 8.13 22.50
CA LEU A 259 -21.30 7.54 22.21
C LEU A 259 -20.95 6.48 23.24
N THR A 260 -20.62 5.30 22.76
CA THR A 260 -20.21 4.20 23.65
C THR A 260 -19.00 4.59 24.49
N PRO A 261 -18.84 4.04 25.70
CA PRO A 261 -17.73 4.40 26.56
C PRO A 261 -16.54 3.47 26.34
N ARG A 262 -16.62 2.56 25.37
CA ARG A 262 -15.38 1.93 24.88
C ARG A 262 -14.47 3.05 24.33
N VAL A 263 -15.07 4.11 23.80
CA VAL A 263 -14.26 5.22 23.28
C VAL A 263 -13.77 6.04 24.48
N THR A 264 -12.53 5.81 24.90
CA THR A 264 -11.98 6.67 25.95
C THR A 264 -11.59 8.03 25.37
N ASP A 265 -10.74 8.04 24.34
CA ASP A 265 -10.15 9.24 23.73
C ASP A 265 -11.13 10.41 23.72
N PRO A 266 -10.90 11.44 24.55
CA PRO A 266 -11.89 12.52 24.67
C PRO A 266 -12.03 13.37 23.41
N SER A 267 -10.98 13.51 22.60
CA SER A 267 -11.08 14.37 21.43
C SER A 267 -12.02 13.77 20.39
N VAL A 268 -12.04 12.43 20.29
CA VAL A 268 -12.94 11.78 19.36
C VAL A 268 -14.38 11.94 19.82
N ARG A 269 -14.67 11.49 21.04
CA ARG A 269 -16.01 11.63 21.63
C ARG A 269 -16.60 12.99 21.30
N GLU A 270 -15.77 14.03 21.33
CA GLU A 270 -16.27 15.38 21.08
C GLU A 270 -16.57 15.59 19.60
N ALA A 271 -15.84 14.92 18.72
CA ALA A 271 -16.04 15.13 17.29
C ALA A 271 -17.31 14.44 16.80
N VAL A 272 -17.52 13.19 17.22
CA VAL A 272 -18.69 12.46 16.75
C VAL A 272 -19.96 12.95 17.44
N ALA A 273 -19.92 13.06 18.76
CA ALA A 273 -21.03 13.62 19.53
C ALA A 273 -21.43 14.99 19.00
N ALA A 274 -20.59 15.58 18.14
CA ALA A 274 -20.96 16.82 17.46
C ALA A 274 -21.87 16.58 16.26
N ILE A 275 -21.92 15.36 15.73
CA ILE A 275 -22.85 15.05 14.64
C ILE A 275 -23.72 13.84 14.93
N LEU A 276 -23.43 13.06 15.97
CA LEU A 276 -24.23 11.89 16.33
C LEU A 276 -25.56 12.36 16.91
N LEU A 277 -26.62 12.23 16.11
CA LEU A 277 -27.95 12.56 16.58
C LEU A 277 -28.73 11.30 16.94
N PRO A 278 -29.54 11.29 18.00
CA PRO A 278 -30.44 10.16 18.21
C PRO A 278 -31.35 9.96 17.01
N ASP A 279 -31.45 8.72 16.55
CA ASP A 279 -32.20 8.40 15.34
C ASP A 279 -32.58 6.92 15.35
N PRO A 280 -33.86 6.60 15.51
CA PRO A 280 -34.26 5.19 15.63
C PRO A 280 -34.69 4.60 14.31
N GLU A 281 -35.28 5.41 13.43
CA GLU A 281 -35.50 4.98 12.05
C GLU A 281 -34.18 4.58 11.39
N LEU A 282 -33.09 5.25 11.77
CA LEU A 282 -31.75 4.86 11.37
C LEU A 282 -31.31 3.57 12.06
N ALA A 283 -31.43 3.52 13.38
CA ALA A 283 -31.01 2.32 14.11
C ALA A 283 -31.83 1.11 13.67
N LYS A 284 -33.11 1.31 13.36
CA LYS A 284 -33.96 0.21 12.91
C LYS A 284 -33.33 -0.50 11.72
N LEU A 285 -33.05 0.26 10.66
CA LEU A 285 -32.51 -0.34 9.45
C LEU A 285 -31.18 -1.03 9.73
N ILE A 286 -30.31 -0.42 10.52
CA ILE A 286 -28.99 -1.01 10.75
C ILE A 286 -29.13 -2.43 11.26
N ARG A 287 -30.14 -2.68 12.10
CA ARG A 287 -30.40 -4.04 12.55
C ARG A 287 -31.04 -4.87 11.46
N ALA A 288 -31.95 -4.27 10.68
CA ALA A 288 -32.62 -4.99 9.61
C ALA A 288 -31.64 -5.53 8.57
N GLU A 289 -30.53 -4.83 8.33
CA GLU A 289 -29.60 -5.30 7.31
C GLU A 289 -28.47 -6.16 7.88
N CYS A 290 -28.03 -5.90 9.10
CA CYS A 290 -26.91 -6.65 9.67
C CYS A 290 -27.36 -7.86 10.47
N SER A 291 -28.66 -8.01 10.73
CA SER A 291 -29.10 -9.22 11.42
C SER A 291 -29.13 -10.42 10.48
N LYS A 292 -29.55 -10.21 9.23
CA LYS A 292 -29.42 -11.24 8.22
C LYS A 292 -28.01 -11.82 8.23
N GLY A 293 -27.91 -13.13 8.05
CA GLY A 293 -26.60 -13.73 7.86
C GLY A 293 -25.98 -13.47 6.50
N ASP A 294 -26.75 -12.94 5.55
CA ASP A 294 -26.26 -12.65 4.21
C ASP A 294 -25.80 -11.20 4.14
N TRP A 295 -24.55 -10.99 3.74
CA TRP A 295 -23.96 -9.66 3.65
C TRP A 295 -23.62 -9.26 2.24
N ALA A 296 -24.03 -10.05 1.24
CA ALA A 296 -23.88 -9.64 -0.14
C ALA A 296 -24.56 -8.28 -0.36
N GLY A 297 -23.82 -7.35 -0.96
CA GLY A 297 -24.39 -6.05 -1.29
C GLY A 297 -24.67 -5.18 -0.08
N ILE A 298 -24.11 -5.53 1.08
CA ILE A 298 -24.37 -4.78 2.31
C ILE A 298 -24.04 -3.31 2.14
N ILE A 299 -23.09 -2.98 1.27
CA ILE A 299 -22.63 -1.60 1.14
C ILE A 299 -23.73 -0.73 0.53
N THR A 300 -24.36 -1.19 -0.56
CA THR A 300 -25.45 -0.41 -1.10
C THR A 300 -26.73 -0.56 -0.30
N ARG A 301 -26.77 -1.47 0.68
CA ARG A 301 -27.95 -1.53 1.54
C ARG A 301 -27.85 -0.52 2.67
N VAL A 302 -26.67 -0.38 3.26
CA VAL A 302 -26.49 0.63 4.29
C VAL A 302 -26.27 2.00 3.68
N TRP A 303 -25.42 2.10 2.64
CA TRP A 303 -25.15 3.36 1.97
C TRP A 303 -25.65 3.30 0.54
N PRO A 304 -26.96 3.50 0.31
CA PRO A 304 -27.53 3.12 -0.98
C PRO A 304 -27.23 4.08 -2.12
N ASN A 305 -26.79 5.29 -1.84
CA ASN A 305 -26.39 6.21 -2.88
C ASN A 305 -24.92 6.10 -3.27
N THR A 306 -24.19 5.13 -2.71
CA THR A 306 -22.80 4.93 -3.08
C THR A 306 -22.68 4.69 -4.58
N LYS A 307 -21.87 5.50 -5.26
CA LYS A 307 -21.68 5.34 -6.69
C LYS A 307 -20.46 4.48 -7.03
N TYR A 308 -19.47 4.43 -6.15
CA TYR A 308 -18.28 3.65 -6.45
C TYR A 308 -17.41 3.58 -5.20
N LEU A 309 -16.47 2.65 -5.23
CA LEU A 309 -15.52 2.42 -4.15
C LEU A 309 -14.17 3.00 -4.57
N ASP A 310 -13.57 3.79 -3.70
CA ASP A 310 -12.29 4.44 -3.99
C ASP A 310 -11.23 3.67 -3.23
N VAL A 311 -10.64 2.67 -3.88
CA VAL A 311 -9.64 1.82 -3.25
C VAL A 311 -8.67 1.33 -4.32
N ILE A 312 -7.40 1.22 -3.96
CA ILE A 312 -6.43 0.63 -4.88
C ILE A 312 -6.71 -0.87 -4.97
N VAL A 313 -6.88 -1.38 -6.19
CA VAL A 313 -7.01 -2.83 -6.39
C VAL A 313 -6.12 -3.23 -7.57
N THR A 314 -5.04 -2.50 -7.78
CA THR A 314 -4.00 -2.93 -8.70
C THR A 314 -2.82 -3.48 -7.89
N GLY A 315 -1.92 -4.17 -8.57
CA GLY A 315 -0.90 -4.93 -7.86
C GLY A 315 -1.50 -5.89 -6.84
N ALA A 316 -0.83 -6.00 -5.69
CA ALA A 316 -1.18 -7.04 -4.72
C ALA A 316 -2.63 -6.92 -4.25
N MET A 317 -3.18 -5.70 -4.24
CA MET A 317 -4.56 -5.53 -3.79
C MET A 317 -5.58 -6.11 -4.76
N ALA A 318 -5.17 -6.45 -5.99
CA ALA A 318 -6.08 -7.11 -6.92
C ALA A 318 -6.77 -8.32 -6.29
N GLN A 319 -6.07 -9.01 -5.37
CA GLN A 319 -6.63 -10.16 -4.68
C GLN A 319 -8.01 -9.87 -4.12
N TYR A 320 -8.25 -8.63 -3.73
CA TYR A 320 -9.42 -8.31 -2.94
C TYR A 320 -10.65 -8.00 -3.79
N ILE A 321 -10.54 -8.04 -5.11
CA ILE A 321 -11.64 -7.61 -5.96
C ILE A 321 -12.88 -8.48 -5.72
N PRO A 322 -12.80 -9.80 -5.83
CA PRO A 322 -14.03 -10.61 -5.59
C PRO A 322 -14.66 -10.30 -4.25
N THR A 323 -13.87 -10.23 -3.19
CA THR A 323 -14.43 -9.93 -1.88
C THR A 323 -15.13 -8.57 -1.88
N LEU A 324 -14.53 -7.56 -2.51
CA LEU A 324 -15.16 -6.24 -2.53
C LEU A 324 -16.47 -6.27 -3.30
N GLU A 325 -16.46 -6.96 -4.45
CA GLU A 325 -17.67 -7.08 -5.27
C GLU A 325 -18.82 -7.73 -4.49
N PHE A 326 -18.53 -8.79 -3.74
CA PHE A 326 -19.57 -9.44 -2.95
C PHE A 326 -20.21 -8.45 -1.98
N TYR A 327 -19.38 -7.68 -1.28
CA TYR A 327 -19.87 -6.74 -0.28
C TYR A 327 -20.49 -5.49 -0.91
N SER A 328 -20.02 -5.07 -2.08
CA SER A 328 -20.57 -3.89 -2.72
C SER A 328 -21.76 -4.20 -3.60
N GLY A 329 -21.91 -5.46 -4.02
CA GLY A 329 -22.91 -5.79 -5.02
C GLY A 329 -22.51 -5.37 -6.42
N GLY A 330 -21.21 -5.27 -6.70
CA GLY A 330 -20.74 -4.98 -8.04
C GLY A 330 -20.37 -3.55 -8.36
N LEU A 331 -20.32 -2.65 -7.36
CA LEU A 331 -19.93 -1.25 -7.56
C LEU A 331 -18.56 -1.16 -8.24
N PRO A 332 -18.34 -0.17 -9.10
CA PRO A 332 -16.99 0.02 -9.67
C PRO A 332 -15.98 0.35 -8.59
N MET A 333 -14.73 -0.03 -8.83
CA MET A 333 -13.64 0.21 -7.90
C MET A 333 -12.63 1.13 -8.57
N ALA A 334 -12.48 2.33 -8.02
CA ALA A 334 -11.59 3.34 -8.59
C ALA A 334 -10.19 3.21 -8.01
N CYS A 335 -9.22 3.00 -8.88
CA CYS A 335 -7.81 3.10 -8.56
C CYS A 335 -7.36 4.45 -9.10
N THR A 336 -7.17 5.42 -8.19
CA THR A 336 -7.02 6.79 -8.66
C THR A 336 -5.57 7.23 -8.80
N MET A 337 -4.65 6.69 -7.99
CA MET A 337 -3.35 7.32 -7.85
C MET A 337 -2.26 6.27 -7.70
N TYR A 338 -1.06 6.60 -8.21
CA TYR A 338 0.14 5.78 -8.14
C TYR A 338 1.24 6.60 -7.46
N ALA A 339 1.67 6.18 -6.28
CA ALA A 339 2.55 7.03 -5.47
C ALA A 339 3.35 6.17 -4.49
N SER A 340 4.35 6.78 -3.89
CA SER A 340 5.21 6.10 -2.93
C SER A 340 5.70 7.08 -1.89
N SER A 341 6.31 6.52 -0.85
CA SER A 341 6.99 7.30 0.17
C SER A 341 8.07 8.21 -0.43
N GLU A 342 8.78 7.77 -1.47
CA GLU A 342 9.84 8.62 -2.00
C GLU A 342 9.38 9.62 -3.04
N CYS A 343 8.20 9.43 -3.60
CA CYS A 343 7.76 10.26 -4.72
C CYS A 343 6.35 9.91 -5.14
N TYR A 344 5.50 10.93 -5.26
CA TYR A 344 4.20 10.75 -5.87
C TYR A 344 4.37 10.74 -7.38
N PHE A 345 3.86 9.71 -8.06
CA PHE A 345 4.21 9.50 -9.47
C PHE A 345 3.17 10.04 -10.42
N GLY A 346 1.90 9.71 -10.21
CA GLY A 346 0.88 10.14 -11.16
C GLY A 346 -0.46 9.53 -10.86
N LEU A 347 -1.32 9.49 -11.89
CA LEU A 347 -2.72 9.23 -11.63
C LEU A 347 -3.35 8.45 -12.77
N ASN A 348 -4.47 7.82 -12.45
CA ASN A 348 -5.29 7.10 -13.42
C ASN A 348 -6.21 8.10 -14.11
N LEU A 349 -5.98 8.34 -15.40
CA LEU A 349 -6.83 9.25 -16.16
C LEU A 349 -8.18 8.64 -16.51
N ARG A 350 -8.38 7.34 -16.21
CA ARG A 350 -9.65 6.64 -16.44
C ARG A 350 -10.09 5.91 -15.18
N PRO A 351 -10.40 6.64 -14.12
CA PRO A 351 -10.64 5.98 -12.82
C PRO A 351 -11.80 5.01 -12.82
N MET A 352 -12.74 5.09 -13.78
CA MET A 352 -13.87 4.16 -13.78
C MET A 352 -13.65 2.93 -14.65
N CYS A 353 -12.47 2.75 -15.26
CA CYS A 353 -12.25 1.54 -16.04
C CYS A 353 -12.30 0.29 -15.14
N ASP A 354 -12.25 -0.87 -15.77
CA ASP A 354 -12.20 -2.11 -15.00
C ASP A 354 -10.85 -2.24 -14.30
N PRO A 355 -10.84 -2.83 -13.10
CA PRO A 355 -9.56 -3.03 -12.39
C PRO A 355 -8.50 -3.72 -13.23
N SER A 356 -8.91 -4.61 -14.14
CA SER A 356 -7.92 -5.26 -15.01
C SER A 356 -7.35 -4.29 -16.02
N GLU A 357 -8.01 -3.15 -16.26
CA GLU A 357 -7.68 -2.21 -17.32
C GLU A 357 -6.97 -0.96 -16.80
N VAL A 358 -6.57 -0.94 -15.53
CA VAL A 358 -6.00 0.28 -14.95
C VAL A 358 -4.59 0.52 -15.48
N SER A 359 -4.34 1.74 -15.93
CA SER A 359 -3.01 2.24 -16.27
C SER A 359 -2.82 3.62 -15.65
N TYR A 360 -1.60 3.91 -15.21
CA TYR A 360 -1.34 5.17 -14.51
C TYR A 360 -0.47 6.08 -15.40
N THR A 361 -0.85 7.33 -15.48
CA THR A 361 -0.07 8.30 -16.25
C THR A 361 0.84 9.03 -15.27
N ILE A 362 2.15 8.86 -15.44
CA ILE A 362 3.09 9.50 -14.55
C ILE A 362 3.15 10.98 -14.89
N MET A 363 3.16 11.84 -13.88
CA MET A 363 3.07 13.26 -14.16
C MET A 363 4.46 13.85 -14.24
N PRO A 364 4.82 14.46 -15.37
CA PRO A 364 6.21 14.84 -15.63
C PRO A 364 6.73 15.96 -14.77
N ASN A 365 5.90 16.60 -13.96
CA ASN A 365 6.40 17.64 -13.06
C ASN A 365 6.80 17.08 -11.71
N MET A 366 6.51 15.82 -11.44
CA MET A 366 6.66 15.31 -10.08
C MET A 366 8.09 14.96 -9.75
N GLY A 367 8.93 14.79 -10.76
CA GLY A 367 10.32 14.43 -10.61
C GLY A 367 10.86 14.11 -11.98
N TYR A 368 12.12 13.65 -12.02
CA TYR A 368 12.75 13.26 -13.28
C TYR A 368 12.76 11.74 -13.35
N PHE A 369 12.06 11.19 -14.34
CA PHE A 369 11.78 9.76 -14.39
C PHE A 369 12.47 9.11 -15.58
N GLU A 370 13.16 8.01 -15.31
CA GLU A 370 13.91 7.24 -16.28
C GLU A 370 13.59 5.78 -16.06
N PHE A 371 13.92 4.96 -17.05
CA PHE A 371 13.39 3.61 -17.07
C PHE A 371 14.45 2.62 -17.52
N LEU A 372 14.62 1.55 -16.74
CA LEU A 372 15.57 0.50 -17.02
C LEU A 372 14.82 -0.68 -17.59
N PRO A 373 15.11 -1.14 -18.80
CA PRO A 373 14.41 -2.31 -19.31
C PRO A 373 14.73 -3.51 -18.44
N VAL A 374 13.72 -4.32 -18.14
CA VAL A 374 13.88 -5.36 -17.13
C VAL A 374 14.96 -6.39 -17.48
N ASP A 383 22.30 -0.51 -15.63
CA ASP A 383 23.37 0.46 -15.78
C ASP A 383 22.87 1.71 -16.49
N ALA A 384 23.39 2.88 -16.11
CA ALA A 384 22.84 4.15 -16.56
C ALA A 384 22.81 4.32 -18.08
N THR A 385 23.61 3.56 -18.83
CA THR A 385 23.60 3.70 -20.29
C THR A 385 22.32 3.13 -20.90
N GLN A 386 21.65 2.20 -20.23
CA GLN A 386 20.42 1.60 -20.71
C GLN A 386 19.18 2.40 -20.31
N LEU A 387 19.34 3.45 -19.51
CA LEU A 387 18.20 4.26 -19.09
C LEU A 387 17.49 4.85 -20.29
N VAL A 388 16.17 4.75 -20.27
CA VAL A 388 15.28 5.33 -21.29
C VAL A 388 14.49 6.46 -20.64
N ASP A 389 14.42 7.62 -21.32
CA ASP A 389 13.70 8.74 -20.75
C ASP A 389 12.19 8.51 -20.81
N LEU A 390 11.47 9.21 -19.93
CA LEU A 390 10.03 9.02 -19.81
C LEU A 390 9.35 9.10 -21.18
N ALA A 391 9.66 10.15 -21.94
CA ALA A 391 9.01 10.38 -23.23
C ALA A 391 9.23 9.24 -24.21
N ARG A 392 10.23 8.40 -23.99
CA ARG A 392 10.75 7.53 -25.04
C ARG A 392 10.60 6.05 -24.73
N VAL A 393 9.83 5.69 -23.70
CA VAL A 393 9.57 4.27 -23.46
C VAL A 393 8.66 3.72 -24.56
N GLU A 394 8.69 2.39 -24.72
CA GLU A 394 8.03 1.72 -25.83
C GLU A 394 6.82 0.94 -25.35
N VAL A 395 5.70 1.14 -26.05
CA VAL A 395 4.47 0.38 -25.77
C VAL A 395 4.78 -1.10 -25.79
N GLY A 396 4.17 -1.84 -24.87
CA GLY A 396 4.38 -3.24 -24.74
C GLY A 396 5.54 -3.66 -23.85
N ARG A 397 6.52 -2.80 -23.62
CA ARG A 397 7.70 -3.23 -22.89
C ARG A 397 7.54 -2.98 -21.39
N GLU A 398 8.27 -3.76 -20.61
CA GLU A 398 8.35 -3.65 -19.15
C GLU A 398 9.63 -2.93 -18.77
N TYR A 399 9.55 -2.06 -17.75
CA TYR A 399 10.72 -1.32 -17.29
C TYR A 399 10.71 -1.24 -15.77
N GLU A 400 11.91 -1.05 -15.21
CA GLU A 400 12.04 -0.64 -13.81
C GLU A 400 12.09 0.88 -13.69
N LEU A 401 11.37 1.41 -12.72
CA LEU A 401 11.28 2.85 -12.54
C LEU A 401 12.51 3.38 -11.80
N VAL A 402 13.16 4.39 -12.37
CA VAL A 402 14.35 5.01 -11.82
C VAL A 402 14.07 6.49 -11.69
N ILE A 403 14.22 7.05 -10.50
CA ILE A 403 13.70 8.38 -10.24
C ILE A 403 14.76 9.31 -9.67
N THR A 404 14.65 10.58 -10.05
CA THR A 404 15.42 11.67 -9.45
C THR A 404 14.43 12.68 -8.89
N THR A 405 14.60 13.05 -7.61
CA THR A 405 13.57 13.83 -6.91
C THR A 405 14.14 15.12 -6.35
N TYR A 406 13.24 16.05 -6.05
CA TYR A 406 13.66 17.31 -5.46
C TYR A 406 14.37 17.09 -4.13
N ALA A 407 13.99 16.05 -3.39
CA ALA A 407 14.56 15.77 -2.08
C ALA A 407 15.97 15.24 -2.14
N GLY A 408 16.47 14.92 -3.32
CA GLY A 408 17.85 14.53 -3.47
C GLY A 408 18.08 13.04 -3.65
N LEU A 409 17.05 12.28 -4.02
CA LEU A 409 17.26 10.95 -4.59
C LEU A 409 17.69 11.14 -6.03
N ASN A 410 18.76 10.47 -6.44
CA ASN A 410 19.34 10.67 -7.77
C ASN A 410 19.47 9.33 -8.46
N ARG A 411 18.77 9.17 -9.58
CA ARG A 411 18.65 7.89 -10.30
C ARG A 411 18.51 6.72 -9.34
N TYR A 412 17.54 6.85 -8.44
CA TYR A 412 17.20 5.84 -7.45
C TYR A 412 16.21 4.83 -8.01
N ARG A 413 16.52 3.56 -7.82
CA ARG A 413 15.59 2.53 -8.26
C ARG A 413 14.50 2.27 -7.24
N VAL A 414 13.27 2.47 -7.68
CA VAL A 414 12.12 2.28 -6.81
C VAL A 414 11.89 0.80 -6.54
N GLY A 415 12.12 -0.05 -7.54
CA GLY A 415 11.80 -1.44 -7.45
C GLY A 415 10.53 -1.84 -8.18
N ASP A 416 9.75 -0.86 -8.64
CA ASP A 416 8.51 -1.12 -9.35
C ASP A 416 8.82 -1.48 -10.80
N VAL A 417 8.24 -2.57 -11.25
CA VAL A 417 8.23 -2.96 -12.64
C VAL A 417 6.91 -2.51 -13.26
N LEU A 418 6.99 -1.80 -14.38
CA LEU A 418 5.83 -1.23 -15.05
C LEU A 418 5.84 -1.65 -16.51
N ARG A 419 4.63 -1.80 -17.08
CA ARG A 419 4.47 -2.13 -18.49
C ARG A 419 3.77 -0.98 -19.20
N VAL A 420 4.39 -0.48 -20.27
CA VAL A 420 3.77 0.61 -21.01
C VAL A 420 2.57 0.05 -21.75
N THR A 421 1.40 0.65 -21.53
CA THR A 421 0.23 0.16 -22.24
C THR A 421 -0.20 1.09 -23.38
N GLY A 422 0.38 2.28 -23.47
CA GLY A 422 -0.06 3.25 -24.45
C GLY A 422 0.38 4.64 -24.03
N PHE A 423 -0.06 5.63 -24.81
CA PHE A 423 0.38 7.00 -24.63
C PHE A 423 -0.80 7.97 -24.55
N HIS A 424 -0.70 8.91 -23.63
CA HIS A 424 -1.65 10.00 -23.51
C HIS A 424 -0.93 11.28 -23.93
N ASN A 425 -1.25 11.79 -25.12
CA ASN A 425 -0.45 12.82 -25.78
C ASN A 425 0.96 12.23 -25.84
N ALA A 426 1.99 12.95 -25.41
CA ALA A 426 3.32 12.36 -25.38
C ALA A 426 3.63 11.58 -24.10
N ALA A 427 2.69 11.44 -23.17
CA ALA A 427 3.01 10.87 -21.85
C ALA A 427 2.69 9.38 -21.81
N PRO A 428 3.64 8.50 -21.47
CA PRO A 428 3.32 7.07 -21.41
C PRO A 428 2.39 6.74 -20.25
N GLN A 429 1.66 5.64 -20.42
CA GLN A 429 0.74 5.14 -19.41
C GLN A 429 1.20 3.75 -19.03
N PHE A 430 1.15 3.43 -17.74
CA PHE A 430 1.81 2.23 -17.24
C PHE A 430 0.82 1.35 -16.52
N ARG A 431 0.83 0.05 -16.83
CA ARG A 431 0.20 -0.95 -15.99
C ARG A 431 1.18 -1.32 -14.90
N PHE A 432 0.74 -1.26 -13.63
CA PHE A 432 1.64 -1.65 -12.54
C PHE A 432 1.82 -3.17 -12.57
N VAL A 433 3.05 -3.64 -12.64
CA VAL A 433 3.27 -5.08 -12.68
C VAL A 433 3.59 -5.61 -11.29
N ARG A 434 4.69 -5.15 -10.70
CA ARG A 434 5.01 -5.59 -9.35
C ARG A 434 6.19 -4.78 -8.82
N ARG A 435 6.37 -4.88 -7.50
CA ARG A 435 7.61 -4.46 -6.85
C ARG A 435 8.56 -5.67 -6.82
N LYS A 436 9.78 -5.47 -7.33
CA LYS A 436 10.68 -6.60 -7.52
C LYS A 436 10.91 -7.34 -6.21
N ASN A 437 10.87 -8.66 -6.28
CA ASN A 437 11.19 -9.60 -5.21
C ASN A 437 10.16 -9.67 -4.10
N VAL A 438 9.04 -8.99 -4.23
CA VAL A 438 8.01 -9.06 -3.21
C VAL A 438 7.15 -10.29 -3.44
N LEU A 439 7.05 -11.16 -2.44
CA LEU A 439 6.29 -12.40 -2.53
C LEU A 439 4.86 -12.27 -2.04
N LEU A 440 4.68 -11.66 -0.87
CA LEU A 440 3.39 -11.71 -0.19
C LEU A 440 3.08 -10.32 0.36
N SER A 441 1.81 -9.93 0.21
CA SER A 441 1.30 -8.76 0.89
C SER A 441 -0.16 -9.01 1.23
N ILE A 442 -0.53 -8.75 2.47
CA ILE A 442 -1.94 -8.68 2.85
C ILE A 442 -2.43 -7.24 2.79
N GLU A 443 -1.56 -6.30 3.13
CA GLU A 443 -1.86 -4.89 3.24
C GLU A 443 -0.63 -4.14 2.74
N SER A 444 0.03 -3.40 3.61
CA SER A 444 1.25 -2.70 3.25
C SER A 444 2.50 -3.54 3.46
N ASP A 445 2.42 -4.60 4.27
CA ASP A 445 3.50 -5.57 4.34
C ASP A 445 3.93 -5.99 2.94
N LYS A 446 5.24 -6.10 2.76
CA LYS A 446 5.84 -6.49 1.49
C LYS A 446 6.95 -7.49 1.84
N THR A 447 6.56 -8.73 2.06
CA THR A 447 7.52 -9.76 2.44
C THR A 447 8.25 -10.26 1.21
N ASP A 448 9.58 -10.15 1.20
CA ASP A 448 10.28 -10.60 0.01
C ASP A 448 10.83 -12.01 0.23
N GLU A 449 11.33 -12.60 -0.86
CA GLU A 449 11.69 -14.00 -0.80
C GLU A 449 12.79 -14.25 0.21
N ALA A 450 13.69 -13.27 0.41
CA ALA A 450 14.80 -13.47 1.34
C ALA A 450 14.30 -13.59 2.77
N GLU A 451 13.42 -12.66 3.20
CA GLU A 451 12.85 -12.75 4.55
C GLU A 451 12.05 -14.03 4.73
N LEU A 452 11.31 -14.45 3.71
CA LEU A 452 10.52 -15.66 3.86
C LEU A 452 11.41 -16.87 4.04
N GLN A 453 12.46 -16.97 3.24
CA GLN A 453 13.38 -18.10 3.38
C GLN A 453 14.05 -18.12 4.75
N ARG A 454 14.48 -16.96 5.24
CA ARG A 454 15.09 -16.91 6.57
C ARG A 454 14.08 -17.29 7.65
N ALA A 455 12.83 -16.84 7.51
CA ALA A 455 11.78 -17.24 8.44
C ALA A 455 11.62 -18.76 8.49
N VAL A 456 11.60 -19.42 7.32
CA VAL A 456 11.49 -20.87 7.30
C VAL A 456 12.66 -21.50 8.04
N GLU A 457 13.87 -20.96 7.84
CA GLU A 457 15.05 -21.53 8.48
C GLU A 457 14.98 -21.36 9.99
N ARG A 458 14.41 -20.26 10.49
CA ARG A 458 14.36 -20.05 11.93
C ARG A 458 13.33 -20.95 12.60
N ALA A 459 12.26 -21.29 11.90
CA ALA A 459 11.24 -22.15 12.47
C ALA A 459 11.68 -23.61 12.56
N SER A 460 12.67 -24.01 11.76
CA SER A 460 13.09 -25.41 11.79
C SER A 460 13.88 -25.74 13.05
N ALA A 461 14.30 -24.74 13.83
CA ALA A 461 14.88 -25.07 15.13
C ALA A 461 13.88 -25.83 15.99
N LEU A 462 12.58 -25.63 15.74
CA LEU A 462 11.58 -26.44 16.42
C LEU A 462 11.44 -27.81 15.79
N LEU A 463 11.83 -27.96 14.52
CA LEU A 463 11.60 -29.21 13.80
C LEU A 463 12.74 -30.19 13.96
N ARG A 464 13.96 -29.68 13.93
CA ARG A 464 15.14 -30.53 13.91
C ARG A 464 15.19 -31.56 15.04
N PRO A 465 14.78 -31.27 16.28
CA PRO A 465 14.85 -32.32 17.30
C PRO A 465 14.00 -33.52 16.97
N HIS A 466 12.88 -33.31 16.26
CA HIS A 466 12.04 -34.42 15.79
C HIS A 466 12.71 -35.24 14.72
N GLY A 467 13.83 -34.78 14.16
CA GLY A 467 14.34 -35.42 12.96
C GLY A 467 13.72 -34.93 11.67
N ALA A 468 12.92 -33.88 11.74
CA ALA A 468 12.20 -33.34 10.57
C ALA A 468 12.96 -32.17 9.94
N SER A 469 12.79 -32.01 8.63
CA SER A 469 13.26 -30.80 7.95
C SER A 469 12.33 -30.45 6.81
N VAL A 470 12.37 -29.19 6.39
CA VAL A 470 11.55 -28.69 5.29
C VAL A 470 12.30 -28.94 3.98
N VAL A 471 11.83 -29.91 3.21
CA VAL A 471 12.42 -30.15 1.89
C VAL A 471 12.10 -29.01 0.93
N GLU A 472 10.87 -28.51 0.93
CA GLU A 472 10.45 -27.45 0.04
C GLU A 472 9.31 -26.68 0.70
N TYR A 473 9.19 -25.41 0.32
CA TYR A 473 8.05 -24.61 0.74
C TYR A 473 7.60 -23.72 -0.41
N THR A 474 6.39 -23.21 -0.27
CA THR A 474 5.89 -22.11 -1.05
C THR A 474 4.86 -21.40 -0.20
N SER A 475 4.17 -20.43 -0.78
CA SER A 475 3.33 -19.55 0.02
C SER A 475 2.18 -19.01 -0.83
N GLN A 476 1.20 -18.47 -0.12
CA GLN A 476 0.17 -17.70 -0.81
C GLN A 476 -0.40 -16.73 0.19
N ALA A 477 -0.81 -15.57 -0.31
CA ALA A 477 -1.59 -14.64 0.47
C ALA A 477 -3.05 -15.09 0.39
N CYS A 478 -3.61 -15.46 1.53
CA CYS A 478 -4.95 -16.00 1.60
C CYS A 478 -5.91 -14.94 2.09
N THR A 479 -6.89 -14.60 1.26
CA THR A 479 -7.86 -13.56 1.60
C THR A 479 -9.28 -14.10 1.57
N LYS A 480 -9.46 -15.36 1.98
CA LYS A 480 -10.81 -15.89 2.08
C LYS A 480 -11.55 -15.35 3.29
N ARG A 481 -10.83 -14.87 4.31
CA ARG A 481 -11.43 -14.19 5.46
C ARG A 481 -10.74 -12.85 5.69
N ILE A 482 -11.38 -12.00 6.48
CA ILE A 482 -10.90 -10.67 6.84
C ILE A 482 -10.52 -10.70 8.32
N PRO A 483 -9.29 -10.34 8.69
CA PRO A 483 -8.24 -10.04 7.71
C PRO A 483 -7.68 -11.30 7.07
N GLY A 484 -7.00 -11.14 5.94
CA GLY A 484 -6.28 -12.23 5.32
C GLY A 484 -5.03 -12.59 6.11
N HIS A 485 -4.32 -13.61 5.61
CA HIS A 485 -3.16 -14.09 6.34
C HIS A 485 -2.25 -14.83 5.38
N TYR A 486 -1.00 -15.02 5.80
CA TYR A 486 -0.03 -15.76 5.01
C TYR A 486 -0.28 -17.24 5.23
N VAL A 487 -0.25 -18.01 4.14
CA VAL A 487 -0.28 -19.47 4.16
C VAL A 487 1.05 -19.95 3.59
N ILE A 488 1.76 -20.76 4.36
CA ILE A 488 3.05 -21.34 3.96
C ILE A 488 2.84 -22.84 3.81
N TYR A 489 3.25 -23.39 2.69
CA TYR A 489 3.15 -24.83 2.46
C TYR A 489 4.52 -25.45 2.71
N TRP A 490 4.54 -26.49 3.52
CA TRP A 490 5.76 -27.18 3.90
C TRP A 490 5.63 -28.65 3.50
N GLU A 491 6.58 -29.13 2.71
CA GLU A 491 6.79 -30.57 2.56
C GLU A 491 7.96 -30.95 3.47
N LEU A 492 7.68 -31.75 4.49
CA LEU A 492 8.66 -32.17 5.48
C LEU A 492 9.38 -33.43 5.05
N LEU A 493 10.61 -33.60 5.54
CA LEU A 493 11.35 -34.86 5.43
C LEU A 493 11.72 -35.32 6.83
N THR A 494 11.30 -36.53 7.19
CA THR A 494 11.57 -37.09 8.52
C THR A 494 12.37 -38.38 8.44
N VAL A 501 6.71 -38.11 13.96
CA VAL A 501 5.98 -37.04 13.27
C VAL A 501 5.84 -35.82 14.19
N VAL A 502 5.75 -34.64 13.61
CA VAL A 502 5.70 -33.42 14.40
C VAL A 502 4.27 -33.19 14.89
N ASP A 503 4.12 -32.93 16.18
CA ASP A 503 2.76 -32.79 16.66
C ASP A 503 2.20 -31.40 16.31
N ALA A 504 0.87 -31.27 16.42
CA ALA A 504 0.21 -30.07 15.93
C ALA A 504 0.57 -28.83 16.75
N ASP A 505 0.70 -28.97 18.07
CA ASP A 505 1.13 -27.83 18.87
C ASP A 505 2.51 -27.33 18.47
N THR A 506 3.44 -28.25 18.15
CA THR A 506 4.75 -27.79 17.73
C THR A 506 4.68 -27.09 16.38
N LEU A 507 3.87 -27.58 15.45
CA LEU A 507 3.83 -26.90 14.15
C LEU A 507 3.20 -25.51 14.28
N GLY A 508 2.21 -25.36 15.15
CA GLY A 508 1.69 -24.03 15.45
C GLY A 508 2.74 -23.09 16.00
N ARG A 509 3.63 -23.60 16.85
CA ARG A 509 4.71 -22.75 17.33
C ARG A 509 5.68 -22.41 16.21
N CYS A 510 5.83 -23.30 15.23
CA CYS A 510 6.55 -22.96 14.01
C CYS A 510 5.93 -21.75 13.31
N CYS A 511 4.61 -21.70 13.22
CA CYS A 511 3.95 -20.51 12.66
C CYS A 511 4.40 -19.24 13.39
N LEU A 512 4.32 -19.26 14.72
CA LEU A 512 4.71 -18.09 15.50
C LEU A 512 6.15 -17.71 15.21
N GLU A 513 7.02 -18.71 15.11
CA GLU A 513 8.44 -18.42 14.90
C GLU A 513 8.67 -17.77 13.54
N MET A 514 7.98 -18.25 12.50
CA MET A 514 8.04 -17.56 11.22
C MET A 514 7.64 -16.10 11.37
N GLU A 515 6.59 -15.83 12.15
CA GLU A 515 6.14 -14.45 12.32
C GLU A 515 7.19 -13.60 13.05
N GLU A 516 7.86 -14.16 14.06
CA GLU A 516 8.89 -13.40 14.74
C GLU A 516 10.00 -13.02 13.77
N ALA A 517 10.23 -13.84 12.75
CA ALA A 517 11.33 -13.59 11.83
C ALA A 517 10.96 -12.66 10.67
N LEU A 518 9.68 -12.33 10.49
CA LEU A 518 9.24 -11.48 9.39
C LEU A 518 9.38 -10.00 9.78
N ASN A 519 9.21 -9.12 8.79
CA ASN A 519 9.69 -7.75 8.95
C ASN A 519 8.79 -6.94 9.88
N THR A 520 9.25 -5.71 10.17
CA THR A 520 8.54 -4.88 11.13
C THR A 520 7.16 -4.47 10.63
N VAL A 521 7.00 -4.30 9.31
CA VAL A 521 5.68 -3.96 8.79
C VAL A 521 4.71 -5.10 9.05
N TYR A 522 5.15 -6.32 8.77
CA TYR A 522 4.27 -7.47 9.02
C TYR A 522 3.85 -7.50 10.49
N ARG A 523 4.82 -7.50 11.39
CA ARG A 523 4.52 -7.67 12.80
C ARG A 523 3.71 -6.50 13.34
N GLN A 524 4.04 -5.28 12.88
CA GLN A 524 3.20 -4.14 13.24
C GLN A 524 1.76 -4.34 12.77
N SER A 525 1.58 -4.80 11.53
CA SER A 525 0.22 -5.06 11.05
C SER A 525 -0.46 -6.13 11.88
N ARG A 526 0.30 -7.10 12.39
CA ARG A 526 -0.29 -8.16 13.20
C ARG A 526 -0.73 -7.63 14.57
N VAL A 527 0.15 -6.91 15.26
CA VAL A 527 -0.12 -6.56 16.65
C VAL A 527 -0.88 -5.25 16.78
N ALA A 528 -0.56 -4.27 15.94
CA ALA A 528 -1.10 -2.92 16.10
C ALA A 528 -2.39 -2.70 15.31
N ASP A 529 -2.36 -2.99 14.00
CA ASP A 529 -3.47 -2.67 13.10
C ASP A 529 -4.54 -3.75 13.10
N GLY A 530 -4.17 -5.01 13.35
CA GLY A 530 -5.09 -6.08 13.07
C GLY A 530 -5.33 -6.31 11.60
N SER A 531 -4.43 -5.83 10.75
CA SER A 531 -4.66 -5.94 9.31
C SER A 531 -4.17 -7.25 8.73
N ILE A 532 -3.44 -8.07 9.50
CA ILE A 532 -3.01 -9.40 9.09
C ILE A 532 -3.35 -10.38 10.22
N GLY A 533 -3.98 -11.49 9.87
CA GLY A 533 -4.32 -12.49 10.86
C GLY A 533 -3.19 -13.50 11.02
N PRO A 534 -3.37 -14.48 11.90
CA PRO A 534 -2.25 -15.38 12.22
C PRO A 534 -1.77 -16.16 10.98
N LEU A 535 -0.46 -16.29 10.89
CA LEU A 535 0.11 -17.05 9.79
C LEU A 535 -0.29 -18.52 9.90
N GLU A 536 -0.47 -19.17 8.76
CA GLU A 536 -0.90 -20.57 8.69
C GLU A 536 0.17 -21.39 7.98
N ILE A 537 0.51 -22.56 8.54
CA ILE A 537 1.36 -23.54 7.85
C ILE A 537 0.48 -24.72 7.45
N ARG A 538 0.49 -25.05 6.15
CA ARG A 538 -0.14 -26.27 5.65
C ARG A 538 0.93 -27.26 5.28
N VAL A 539 0.96 -28.40 5.97
CA VAL A 539 1.92 -29.47 5.65
C VAL A 539 1.36 -30.29 4.50
N VAL A 540 2.16 -30.45 3.45
CA VAL A 540 1.75 -31.21 2.28
C VAL A 540 2.50 -32.55 2.28
N ARG A 541 1.89 -33.54 1.62
CA ARG A 541 2.41 -34.91 1.63
C ARG A 541 3.71 -34.99 0.83
N PRO A 542 4.61 -35.94 1.19
CA PRO A 542 5.86 -36.11 0.42
C PRO A 542 5.58 -36.36 -1.06
N GLY A 543 6.36 -35.72 -1.92
CA GLY A 543 6.14 -35.78 -3.36
C GLY A 543 5.26 -34.68 -3.91
N THR A 544 4.79 -33.76 -3.05
CA THR A 544 3.87 -32.74 -3.50
C THR A 544 4.55 -31.77 -4.46
N PHE A 545 5.78 -31.36 -4.14
CA PHE A 545 6.44 -30.38 -5.01
C PHE A 545 6.89 -31.01 -6.33
N GLU A 546 7.24 -32.29 -6.33
CA GLU A 546 7.41 -33.00 -7.60
C GLU A 546 6.15 -32.91 -8.46
N GLU A 547 4.98 -33.11 -7.85
CA GLU A 547 3.72 -32.97 -8.59
C GLU A 547 3.51 -31.55 -9.10
N LEU A 548 3.80 -30.61 -8.24
CA LEU A 548 3.67 -29.20 -8.62
C LEU A 548 4.57 -28.97 -9.82
N MET A 549 5.72 -29.63 -9.85
CA MET A 549 6.63 -29.49 -11.01
C MET A 549 5.96 -30.06 -12.26
N ASP A 550 5.45 -31.28 -12.16
CA ASP A 550 4.82 -31.92 -13.33
C ASP A 550 3.65 -31.08 -13.83
N TYR A 551 2.87 -30.46 -12.96
CA TYR A 551 1.74 -29.70 -13.49
C TYR A 551 2.20 -28.47 -14.24
N ALA A 552 3.20 -27.76 -13.71
CA ALA A 552 3.70 -26.61 -14.45
C ALA A 552 4.40 -27.05 -15.74
N ILE A 553 5.06 -28.21 -15.70
CA ILE A 553 5.78 -28.74 -16.86
C ILE A 553 4.83 -28.93 -18.03
N SER A 554 3.60 -29.35 -17.78
CA SER A 554 2.57 -29.21 -18.80
C SER A 554 2.58 -27.76 -19.28
N ARG A 555 3.69 -27.35 -19.92
CA ARG A 555 4.02 -25.95 -20.30
C ARG A 555 5.48 -25.59 -20.12
N GLY A 556 5.86 -25.45 -18.84
CA GLY A 556 7.15 -24.91 -18.51
C GLY A 556 8.28 -25.79 -19.00
N ALA A 557 9.44 -25.15 -19.13
CA ALA A 557 10.65 -25.84 -19.54
C ALA A 557 11.24 -26.56 -18.35
N SER A 558 11.51 -27.85 -18.51
CA SER A 558 11.95 -28.66 -17.39
C SER A 558 13.24 -28.13 -16.78
N ILE A 559 14.29 -27.99 -17.59
CA ILE A 559 15.54 -27.53 -16.99
C ILE A 559 15.52 -26.01 -16.96
N ASN A 560 14.32 -25.42 -17.05
CA ASN A 560 14.10 -24.04 -16.67
C ASN A 560 13.18 -23.88 -15.45
N GLN A 561 12.50 -24.95 -15.00
CA GLN A 561 11.58 -24.81 -13.88
C GLN A 561 12.35 -24.56 -12.59
N TYR A 562 11.80 -23.67 -11.77
CA TYR A 562 12.19 -23.58 -10.37
C TYR A 562 10.92 -23.44 -9.54
N LYS A 563 10.86 -24.15 -8.41
CA LYS A 563 9.67 -24.11 -7.58
C LYS A 563 9.29 -22.65 -7.35
N VAL A 564 8.01 -22.35 -7.54
CA VAL A 564 7.53 -21.01 -7.18
C VAL A 564 7.55 -20.87 -5.66
N PRO A 565 8.12 -19.80 -5.09
CA PRO A 565 8.03 -19.60 -3.63
C PRO A 565 6.76 -18.90 -3.19
N ARG A 566 5.97 -18.36 -4.11
CA ARG A 566 4.60 -18.00 -3.83
C ARG A 566 3.75 -18.43 -5.01
N CYS A 567 2.49 -18.74 -4.73
CA CYS A 567 1.58 -19.15 -5.79
C CYS A 567 0.36 -18.25 -5.77
N VAL A 568 -0.05 -17.86 -6.97
CA VAL A 568 -1.25 -17.04 -7.12
C VAL A 568 -2.20 -17.57 -8.18
N THR A 569 -1.77 -18.45 -9.10
CA THR A 569 -2.67 -18.94 -10.16
C THR A 569 -3.97 -19.36 -9.51
N PHE A 570 -4.86 -18.39 -9.40
CA PHE A 570 -5.74 -18.28 -8.24
C PHE A 570 -6.50 -19.58 -8.02
N PRO A 571 -6.88 -20.30 -9.07
CA PRO A 571 -7.37 -21.67 -8.87
C PRO A 571 -6.25 -22.69 -9.03
N PRO A 572 -5.85 -23.02 -10.26
CA PRO A 572 -5.28 -24.36 -10.51
C PRO A 572 -4.14 -24.75 -9.59
N ILE A 573 -3.17 -23.87 -9.35
CA ILE A 573 -2.02 -24.34 -8.60
C ILE A 573 -2.31 -24.31 -7.10
N VAL A 574 -3.02 -23.29 -6.62
CA VAL A 574 -3.42 -23.28 -5.23
C VAL A 574 -4.31 -24.48 -4.91
N GLU A 575 -5.23 -24.84 -5.82
CA GLU A 575 -6.08 -26.01 -5.63
C GLU A 575 -5.27 -27.30 -5.57
N LEU A 576 -4.24 -27.44 -6.41
CA LEU A 576 -3.42 -28.64 -6.35
C LEU A 576 -2.70 -28.75 -5.02
N LEU A 577 -2.09 -27.65 -4.54
CA LEU A 577 -1.38 -27.72 -3.26
C LEU A 577 -2.34 -28.06 -2.12
N ASP A 578 -3.47 -27.36 -2.06
CA ASP A 578 -4.46 -27.61 -1.02
C ASP A 578 -4.90 -29.07 -1.01
N SER A 579 -5.05 -29.66 -2.20
CA SER A 579 -5.46 -31.04 -2.35
C SER A 579 -4.42 -32.02 -1.86
N ARG A 580 -3.22 -31.57 -1.51
CA ARG A 580 -2.17 -32.43 -0.98
C ARG A 580 -1.86 -32.12 0.48
N VAL A 581 -2.69 -31.32 1.14
CA VAL A 581 -2.42 -30.91 2.51
C VAL A 581 -2.83 -32.04 3.45
N VAL A 582 -1.97 -32.36 4.41
CA VAL A 582 -2.26 -33.34 5.44
C VAL A 582 -2.80 -32.68 6.70
N SER A 583 -2.29 -31.48 7.03
CA SER A 583 -2.69 -30.80 8.25
C SER A 583 -2.47 -29.30 8.09
N SER A 584 -3.19 -28.55 8.91
CA SER A 584 -3.15 -27.09 8.90
C SER A 584 -2.91 -26.60 10.33
N HIS A 585 -2.14 -25.52 10.48
CA HIS A 585 -1.71 -25.02 11.78
C HIS A 585 -1.61 -23.49 11.73
N PHE A 586 -1.96 -22.84 12.84
CA PHE A 586 -1.99 -21.38 12.91
C PHE A 586 -1.15 -20.89 14.07
N SER A 587 -0.54 -19.73 13.88
CA SER A 587 0.15 -19.04 14.96
C SER A 587 -0.80 -18.87 16.14
N PRO A 588 -0.47 -19.42 17.31
CA PRO A 588 -1.34 -19.26 18.48
C PRO A 588 -1.16 -17.95 19.24
N ALA A 589 -0.26 -17.06 18.83
CA ALA A 589 -0.07 -15.81 19.56
C ALA A 589 0.52 -14.76 18.62
N LEU A 590 0.45 -13.50 19.07
CA LEU A 590 0.97 -12.43 18.24
C LEU A 590 2.49 -12.44 18.29
N PRO A 591 3.14 -12.10 17.21
CA PRO A 591 4.58 -11.86 17.27
C PRO A 591 4.92 -10.61 18.05
N HIS A 592 6.21 -10.36 18.27
CA HIS A 592 6.68 -9.17 18.96
C HIS A 592 6.74 -7.95 18.04
N TRP A 593 6.35 -6.79 18.56
CA TRP A 593 6.59 -5.53 17.88
C TRP A 593 6.32 -4.38 18.84
N THR A 594 7.20 -3.37 18.79
CA THR A 594 7.03 -2.11 19.50
C THR A 594 7.72 -1.04 18.65
N PRO A 595 7.15 0.17 18.56
CA PRO A 595 7.76 1.22 17.75
C PRO A 595 9.10 1.69 18.32
#